data_3H8D
#
_entry.id   3H8D
#
_cell.length_a   69.177
_cell.length_b   69.952
_cell.length_c   78.537
_cell.angle_alpha   90.000
_cell.angle_beta   98.020
_cell.angle_gamma   90.000
#
_symmetry.space_group_name_H-M   'P 1 21 1'
#
loop_
_entity.id
_entity.type
_entity.pdbx_description
1 polymer Myosin-VI
2 polymer 'Disabled homolog 2'
3 non-polymer 'THIOCYANATE ION'
4 non-polymer 2,3-DIHYDROXY-1,4-DITHIOBUTANE
5 non-polymer 'CHLORIDE ION'
6 water water
#
loop_
_entity_poly.entity_id
_entity_poly.type
_entity_poly.pdbx_seq_one_letter_code
_entity_poly.pdbx_strand_id
1 'polypeptide(L)'
;GSARQQEIDMKRQQRFFRIPFIRPADQYKDPQNKKKGWWYAHFDGPWIARQMELHPDKPPILLVAGKDDMEMCELNLEET
GLTRKRGAEILPRQFEEIWERCGGIQYLQSAIESRQARPTYATAMLQNLLKGSSGGSLVPR
;
A,B,C,D
2 'polypeptide(L)' GSSSGGGSSSSGTSSAFSSYFNNKVGIPQEHVDHDDFDANQLLNKINE E,F,G,H
#
# COMPACT_ATOMS: atom_id res chain seq x y z
N LYS A 11 -19.27 8.30 16.06
CA LYS A 11 -19.12 9.05 14.77
C LYS A 11 -18.10 8.41 13.84
N ARG A 12 -17.07 7.79 14.43
CA ARG A 12 -16.04 7.10 13.66
C ARG A 12 -16.39 5.62 13.41
N GLN A 13 -17.24 5.04 14.27
CA GLN A 13 -17.72 3.67 14.10
C GLN A 13 -18.90 3.60 13.12
N GLN A 14 -19.29 4.76 12.60
CA GLN A 14 -20.42 4.87 11.67
C GLN A 14 -19.91 4.71 10.24
N ARG A 15 -20.41 3.69 9.54
CA ARG A 15 -19.99 3.46 8.16
C ARG A 15 -21.17 3.27 7.20
N PHE A 16 -21.03 3.83 6.01
CA PHE A 16 -22.12 3.99 5.05
C PHE A 16 -21.78 3.34 3.73
N PHE A 17 -22.71 2.57 3.18
CA PHE A 17 -22.48 1.82 1.95
C PHE A 17 -23.63 2.00 0.96
N ARG A 18 -23.30 1.92 -0.32
CA ARG A 18 -24.28 2.03 -1.39
C ARG A 18 -24.01 0.97 -2.48
N ILE A 19 -25.06 0.28 -2.90
CA ILE A 19 -24.97 -0.68 -4.01
C ILE A 19 -26.03 -0.38 -5.06
N PRO A 20 -25.60 0.10 -6.24
CA PRO A 20 -26.57 0.24 -7.31
C PRO A 20 -27.02 -1.16 -7.77
N PHE A 21 -28.28 -1.26 -8.19
CA PHE A 21 -28.83 -2.53 -8.64
C PHE A 21 -29.84 -2.31 -9.76
N ILE A 22 -30.11 -3.40 -10.48
CA ILE A 22 -31.19 -3.45 -11.45
C ILE A 22 -32.12 -4.60 -11.04
N ARG A 23 -33.35 -4.54 -11.54
CA ARG A 23 -34.36 -5.56 -11.26
C ARG A 23 -33.93 -6.88 -11.86
N PRO A 24 -34.12 -8.00 -11.12
CA PRO A 24 -33.75 -9.32 -11.67
C PRO A 24 -34.51 -9.64 -12.96
N ALA A 25 -35.65 -8.96 -13.16
CA ALA A 25 -36.44 -9.07 -14.37
C ALA A 25 -35.76 -8.46 -15.61
N ASP A 26 -34.91 -7.46 -15.39
CA ASP A 26 -34.15 -6.81 -16.47
C ASP A 26 -32.73 -7.34 -16.60
N GLN A 27 -32.42 -8.36 -15.81
CA GLN A 27 -31.09 -9.00 -15.74
C GLN A 27 -30.45 -9.27 -17.11
N TYR A 28 -31.25 -9.76 -18.06
CA TYR A 28 -30.72 -10.20 -19.37
C TYR A 28 -31.21 -9.35 -20.52
N LYS A 29 -31.59 -8.11 -20.23
CA LYS A 29 -32.05 -7.19 -21.27
C LYS A 29 -30.91 -6.28 -21.72
N ASP A 30 -31.17 -5.52 -22.78
CA ASP A 30 -30.25 -4.49 -23.24
C ASP A 30 -30.15 -3.34 -22.24
N PRO A 31 -28.99 -2.66 -22.18
CA PRO A 31 -28.71 -1.55 -21.26
C PRO A 31 -29.85 -0.54 -21.10
N GLN A 32 -30.44 -0.11 -22.22
CA GLN A 32 -31.52 0.90 -22.22
C GLN A 32 -32.81 0.42 -21.54
N ASN A 33 -32.87 -0.89 -21.26
CA ASN A 33 -34.05 -1.47 -20.59
C ASN A 33 -33.79 -1.87 -19.14
N LYS A 34 -32.58 -1.56 -18.66
CA LYS A 34 -32.18 -1.85 -17.28
C LYS A 34 -32.41 -0.63 -16.41
N LYS A 35 -33.53 -0.61 -15.70
CA LYS A 35 -33.91 0.49 -14.82
C LYS A 35 -33.24 0.36 -13.43
N LYS A 36 -32.42 1.36 -13.10
CA LYS A 36 -31.55 1.28 -11.91
C LYS A 36 -32.19 1.77 -10.62
N GLY A 37 -31.87 1.09 -9.53
CA GLY A 37 -32.19 1.55 -8.19
C GLY A 37 -30.93 1.51 -7.35
N TRP A 38 -31.03 1.97 -6.10
CA TRP A 38 -29.89 2.02 -5.18
C TRP A 38 -30.25 1.54 -3.77
N TRP A 39 -29.40 0.67 -3.23
CA TRP A 39 -29.53 0.14 -1.87
C TRP A 39 -28.51 0.86 -1.00
N TYR A 40 -28.93 1.26 0.20
CA TYR A 40 -28.03 1.94 1.14
C TYR A 40 -28.10 1.29 2.52
N ALA A 41 -26.95 1.26 3.20
CA ALA A 41 -26.89 0.79 4.57
C ALA A 41 -26.02 1.71 5.44
N HIS A 42 -26.53 1.99 6.62
CA HIS A 42 -25.79 2.67 7.66
C HIS A 42 -25.50 1.65 8.75
N PHE A 43 -24.22 1.36 8.95
CA PHE A 43 -23.75 0.47 10.02
C PHE A 43 -23.27 1.28 11.21
N ASP A 44 -23.84 0.98 12.38
CA ASP A 44 -23.39 1.55 13.64
C ASP A 44 -22.47 0.52 14.30
N GLY A 45 -21.18 0.66 14.05
CA GLY A 45 -20.23 -0.39 14.39
C GLY A 45 -20.52 -1.59 13.49
N PRO A 46 -20.67 -2.78 14.11
CA PRO A 46 -20.86 -4.01 13.34
C PRO A 46 -22.27 -4.21 12.78
N TRP A 47 -23.25 -3.46 13.29
CA TRP A 47 -24.65 -3.71 12.97
C TRP A 47 -25.33 -2.57 12.24
N ILE A 48 -26.18 -2.95 11.28
CA ILE A 48 -26.94 -2.03 10.45
C ILE A 48 -27.99 -1.30 11.29
N ALA A 49 -27.91 0.02 11.31
CA ALA A 49 -28.87 0.83 12.05
C ALA A 49 -30.03 1.25 11.15
N ARG A 50 -29.68 1.59 9.90
CA ARG A 50 -30.62 2.07 8.89
C ARG A 50 -30.37 1.45 7.52
N GLN A 51 -31.47 1.10 6.85
CA GLN A 51 -31.40 0.57 5.50
C GLN A 51 -32.42 1.31 4.63
N MET A 52 -32.03 1.58 3.39
CA MET A 52 -32.77 2.43 2.49
C MET A 52 -32.64 1.90 1.05
N GLU A 53 -33.76 1.88 0.32
CA GLU A 53 -33.78 1.40 -1.08
C GLU A 53 -34.55 2.32 -2.00
N LEU A 54 -33.83 2.85 -2.99
CA LEU A 54 -34.45 3.63 -4.06
C LEU A 54 -34.77 2.73 -5.22
N HIS A 55 -36.06 2.59 -5.51
CA HIS A 55 -36.52 1.75 -6.61
C HIS A 55 -37.03 2.56 -7.80
N PRO A 56 -36.81 2.06 -9.02
CA PRO A 56 -37.27 2.79 -10.21
C PRO A 56 -38.80 2.71 -10.48
N ASP A 57 -39.48 1.76 -9.83
CA ASP A 57 -40.88 1.48 -10.17
C ASP A 57 -41.86 1.43 -8.98
N LYS A 58 -41.41 1.82 -7.80
CA LYS A 58 -42.25 1.80 -6.59
C LYS A 58 -41.70 2.78 -5.55
N PRO A 59 -42.43 2.97 -4.43
CA PRO A 59 -41.95 3.93 -3.42
C PRO A 59 -40.65 3.48 -2.74
N PRO A 60 -39.83 4.44 -2.27
CA PRO A 60 -38.63 4.09 -1.52
C PRO A 60 -38.96 3.26 -0.28
N ILE A 61 -38.09 2.32 0.04
CA ILE A 61 -38.24 1.51 1.25
C ILE A 61 -37.27 2.04 2.32
N LEU A 62 -37.82 2.37 3.49
CA LEU A 62 -37.00 2.74 4.65
C LEU A 62 -37.14 1.71 5.75
N LEU A 63 -36.00 1.36 6.37
CA LEU A 63 -35.97 0.30 7.37
C LEU A 63 -34.99 0.67 8.48
N VAL A 64 -35.43 0.50 9.72
CA VAL A 64 -34.62 0.82 10.89
C VAL A 64 -34.50 -0.42 11.79
N ALA A 65 -33.33 -0.57 12.43
CA ALA A 65 -33.07 -1.64 13.39
C ALA A 65 -34.12 -1.66 14.50
N GLY A 66 -34.50 -2.87 14.88
CA GLY A 66 -35.56 -3.12 15.85
C GLY A 66 -36.86 -3.40 15.13
N LYS A 67 -37.51 -2.34 14.67
CA LYS A 67 -38.78 -2.39 13.96
C LYS A 67 -38.75 -3.28 12.71
N ASP A 68 -37.67 -3.19 11.92
CA ASP A 68 -37.65 -3.79 10.59
C ASP A 68 -36.66 -4.93 10.44
N ASP A 69 -36.23 -5.50 11.57
CA ASP A 69 -35.22 -6.57 11.63
C ASP A 69 -35.42 -7.73 10.66
N MET A 70 -36.67 -8.15 10.45
CA MET A 70 -36.98 -9.30 9.59
C MET A 70 -36.80 -9.00 8.09
N GLU A 71 -36.93 -7.73 7.73
CA GLU A 71 -36.79 -7.29 6.33
C GLU A 71 -35.36 -6.86 5.97
N MET A 72 -34.61 -6.38 6.97
CA MET A 72 -33.26 -5.84 6.75
C MET A 72 -32.21 -6.92 6.58
N CYS A 73 -31.05 -6.51 6.08
CA CYS A 73 -29.86 -7.36 6.07
C CYS A 73 -29.53 -7.79 7.50
N GLU A 74 -29.30 -9.08 7.65
CA GLU A 74 -29.10 -9.74 8.93
C GLU A 74 -27.61 -9.88 9.32
N LEU A 75 -26.74 -9.74 8.32
CA LEU A 75 -25.30 -9.93 8.50
C LEU A 75 -24.62 -8.71 9.12
N ASN A 76 -23.62 -8.94 9.96
CA ASN A 76 -22.82 -7.84 10.50
C ASN A 76 -21.85 -7.31 9.43
N LEU A 77 -21.22 -6.17 9.69
CA LEU A 77 -20.36 -5.51 8.71
C LEU A 77 -19.24 -6.40 8.18
N GLU A 78 -18.61 -7.15 9.09
CA GLU A 78 -17.49 -8.01 8.71
CA GLU A 78 -17.49 -8.04 8.76
C GLU A 78 -17.92 -9.15 7.80
N GLU A 79 -19.09 -9.71 8.05
CA GLU A 79 -19.57 -10.82 7.23
C GLU A 79 -20.28 -10.43 5.93
N THR A 80 -20.58 -9.13 5.75
CA THR A 80 -21.13 -8.64 4.48
C THR A 80 -20.03 -8.58 3.42
N GLY A 81 -18.82 -8.25 3.85
CA GLY A 81 -17.72 -8.04 2.92
C GLY A 81 -17.74 -6.67 2.24
N LEU A 82 -18.64 -5.79 2.68
CA LEU A 82 -18.79 -4.46 2.06
C LEU A 82 -17.54 -3.58 2.15
N THR A 83 -16.77 -3.72 3.23
CA THR A 83 -15.52 -2.96 3.41
C THR A 83 -14.42 -3.43 2.45
N ARG A 84 -14.70 -4.54 1.76
CA ARG A 84 -13.80 -5.14 0.79
C ARG A 84 -14.30 -4.95 -0.65
N LYS A 85 -15.53 -4.46 -0.79
CA LYS A 85 -16.10 -4.14 -2.10
C LYS A 85 -15.74 -2.71 -2.51
N ARG A 86 -14.96 -2.59 -3.58
CA ARG A 86 -14.45 -1.32 -4.09
C ARG A 86 -15.59 -0.44 -4.65
N GLY A 87 -15.68 0.80 -4.17
CA GLY A 87 -16.73 1.73 -4.59
C GLY A 87 -18.06 1.62 -3.84
N ALA A 88 -18.15 0.66 -2.93
CA ALA A 88 -19.38 0.47 -2.14
C ALA A 88 -19.51 1.51 -1.04
N GLU A 89 -18.41 1.87 -0.38
CA GLU A 89 -18.48 2.81 0.75
C GLU A 89 -18.78 4.24 0.31
N ILE A 90 -19.54 4.96 1.12
CA ILE A 90 -19.92 6.33 0.83
C ILE A 90 -19.72 7.21 2.06
N LEU A 91 -19.69 8.53 1.84
CA LEU A 91 -19.60 9.48 2.94
C LEU A 91 -20.94 9.53 3.68
N PRO A 92 -20.92 9.82 5.00
CA PRO A 92 -22.17 9.98 5.74
C PRO A 92 -23.20 10.84 5.00
N ARG A 93 -22.75 11.96 4.42
CA ARG A 93 -23.63 12.90 3.73
C ARG A 93 -24.39 12.30 2.54
N GLN A 94 -23.73 11.43 1.79
CA GLN A 94 -24.35 10.70 0.68
C GLN A 94 -25.50 9.80 1.13
N PHE A 95 -25.46 9.31 2.37
CA PHE A 95 -26.57 8.55 2.94
C PHE A 95 -27.67 9.49 3.43
N GLU A 96 -27.28 10.49 4.21
CA GLU A 96 -28.22 11.37 4.91
C GLU A 96 -29.06 12.18 3.95
N GLU A 97 -28.45 12.70 2.89
CA GLU A 97 -29.15 13.50 1.89
C GLU A 97 -30.33 12.73 1.27
N ILE A 98 -30.08 11.49 0.87
CA ILE A 98 -31.10 10.59 0.33
C ILE A 98 -32.16 10.21 1.39
N TRP A 99 -31.67 9.74 2.55
CA TRP A 99 -32.51 9.42 3.72
C TRP A 99 -33.51 10.54 4.03
N GLU A 100 -33.02 11.78 4.11
CA GLU A 100 -33.88 12.94 4.35
C GLU A 100 -34.92 13.20 3.27
N ARG A 101 -34.49 13.15 1.99
CA ARG A 101 -35.40 13.34 0.85
C ARG A 101 -36.51 12.29 0.77
N CYS A 102 -36.22 11.09 1.24
CA CYS A 102 -37.15 9.96 1.30
C CYS A 102 -38.12 9.96 2.50
N GLY A 103 -38.03 10.98 3.35
CA GLY A 103 -38.82 11.04 4.59
C GLY A 103 -38.29 10.19 5.74
N GLY A 104 -36.99 9.89 5.71
CA GLY A 104 -36.37 9.04 6.74
C GLY A 104 -36.43 9.55 8.18
N ILE A 105 -36.37 10.87 8.36
CA ILE A 105 -36.44 11.45 9.72
C ILE A 105 -37.80 11.19 10.37
N GLN A 106 -38.88 11.42 9.62
CA GLN A 106 -40.23 11.15 10.10
C GLN A 106 -40.41 9.66 10.36
N TYR A 107 -39.81 8.82 9.50
CA TYR A 107 -39.88 7.36 9.67
C TYR A 107 -39.15 6.86 10.91
N LEU A 108 -37.96 7.40 11.17
CA LEU A 108 -37.19 7.03 12.35
C LEU A 108 -37.89 7.53 13.62
N GLN A 109 -38.21 8.82 13.66
CA GLN A 109 -38.96 9.42 14.76
C GLN A 109 -40.20 8.59 15.15
N SER A 110 -40.94 8.10 14.15
CA SER A 110 -42.14 7.28 14.38
C SER A 110 -41.86 5.91 14.97
N ALA A 111 -40.73 5.30 14.57
CA ALA A 111 -40.31 4.03 15.16
C ALA A 111 -39.80 4.20 16.59
N ILE A 112 -39.29 5.39 16.93
CA ILE A 112 -38.88 5.69 18.30
C ILE A 112 -40.12 5.82 19.22
N GLU A 113 -41.09 6.65 18.80
CA GLU A 113 -42.28 6.96 19.59
C GLU A 113 -43.13 5.73 19.83
N SER A 114 -43.25 4.89 18.81
CA SER A 114 -43.97 3.63 18.92
C SER A 114 -43.16 2.58 19.71
N ARG A 115 -41.93 2.94 20.08
CA ARG A 115 -41.00 2.07 20.85
C ARG A 115 -40.60 0.78 20.13
N GLN A 116 -40.75 0.77 18.81
CA GLN A 116 -40.34 -0.36 17.98
C GLN A 116 -38.84 -0.34 17.62
N ALA A 117 -38.25 0.87 17.58
CA ALA A 117 -36.84 1.03 17.20
C ALA A 117 -35.87 0.54 18.27
N ARG A 118 -34.83 -0.17 17.84
CA ARG A 118 -33.67 -0.45 18.69
C ARG A 118 -32.84 0.84 18.76
N PRO A 119 -32.36 1.19 19.98
CA PRO A 119 -31.43 2.31 20.17
C PRO A 119 -30.13 2.15 19.35
N THR A 120 -29.80 3.15 18.56
CA THR A 120 -28.57 3.15 17.76
C THR A 120 -27.98 4.55 17.74
N TYR A 121 -26.85 4.72 17.08
CA TYR A 121 -26.31 6.06 16.86
C TYR A 121 -27.33 6.95 16.13
N ALA A 122 -28.11 6.34 15.24
CA ALA A 122 -29.11 7.07 14.46
C ALA A 122 -30.27 7.60 15.32
N THR A 123 -30.80 6.77 16.21
CA THR A 123 -31.84 7.21 17.16
C THR A 123 -31.33 8.28 18.12
N ALA A 124 -30.10 8.10 18.60
CA ALA A 124 -29.45 9.05 19.51
C ALA A 124 -29.32 10.43 18.87
N MET A 125 -28.89 10.47 17.61
CA MET A 125 -28.76 11.73 16.87
C MET A 125 -30.09 12.46 16.70
N LEU A 126 -31.14 11.71 16.39
CA LEU A 126 -32.49 12.29 16.24
C LEU A 126 -33.07 12.78 17.57
N GLN A 127 -32.83 12.02 18.64
CA GLN A 127 -33.31 12.38 19.97
C GLN A 127 -32.58 13.59 20.55
N ASN A 128 -31.32 13.78 20.12
CA ASN A 128 -30.54 14.99 20.44
C ASN A 128 -31.13 16.23 19.77
N LEU A 129 -31.71 16.04 18.60
CA LEU A 129 -32.38 17.12 17.86
C LEU A 129 -33.71 17.49 18.53
N LEU A 130 -34.41 16.49 19.07
CA LEU A 130 -35.70 16.70 19.73
C LEU A 130 -35.57 16.58 21.25
N ARG B 12 -9.91 14.94 17.03
CA ARG B 12 -10.31 15.74 15.81
C ARG B 12 -10.89 14.85 14.71
N GLN B 13 -11.78 15.43 13.90
CA GLN B 13 -12.33 14.74 12.74
C GLN B 13 -11.33 14.82 11.58
N GLN B 14 -11.07 13.68 10.98
CA GLN B 14 -10.15 13.59 9.86
C GLN B 14 -10.96 13.72 8.57
N ARG B 15 -10.59 14.68 7.71
CA ARG B 15 -11.30 14.86 6.43
C ARG B 15 -10.36 14.90 5.23
N PHE B 16 -10.82 14.31 4.12
CA PHE B 16 -10.00 14.09 2.93
C PHE B 16 -10.69 14.70 1.71
N PHE B 17 -9.89 15.34 0.85
CA PHE B 17 -10.41 16.07 -0.29
C PHE B 17 -9.56 15.78 -1.52
N ARG B 18 -10.21 15.78 -2.67
CA ARG B 18 -9.55 15.51 -3.94
C ARG B 18 -10.05 16.47 -5.00
N ILE B 19 -9.12 17.15 -5.66
CA ILE B 19 -9.44 18.00 -6.80
C ILE B 19 -8.67 17.53 -8.05
N PRO B 20 -9.39 16.93 -9.02
CA PRO B 20 -8.74 16.60 -10.29
C PRO B 20 -8.30 17.90 -11.00
N PHE B 21 -7.24 17.82 -11.80
CA PHE B 21 -6.82 19.01 -12.52
C PHE B 21 -6.15 18.67 -13.83
N ILE B 22 -6.01 19.70 -14.66
CA ILE B 22 -5.20 19.63 -15.88
C ILE B 22 -4.19 20.79 -15.90
N ARG B 23 -3.11 20.62 -16.64
CA ARG B 23 -2.20 21.75 -16.94
C ARG B 23 -2.94 22.71 -17.87
N PRO B 24 -2.74 24.05 -17.71
CA PRO B 24 -3.34 25.04 -18.62
C PRO B 24 -3.09 24.75 -20.10
N ALA B 25 -1.92 24.22 -20.45
CA ALA B 25 -1.59 23.82 -21.82
C ALA B 25 -2.62 22.86 -22.45
N ASP B 26 -3.33 22.11 -21.61
CA ASP B 26 -4.30 21.09 -22.04
C ASP B 26 -5.75 21.57 -22.05
N GLN B 27 -5.95 22.84 -21.69
CA GLN B 27 -7.27 23.43 -21.43
C GLN B 27 -8.28 23.31 -22.57
N TYR B 28 -7.79 23.37 -23.80
CA TYR B 28 -8.65 23.44 -24.97
C TYR B 28 -8.53 22.19 -25.83
N LYS B 29 -7.96 21.14 -25.26
CA LYS B 29 -7.77 19.89 -25.98
C LYS B 29 -9.01 19.02 -25.88
N ASP B 30 -9.11 18.03 -26.77
CA ASP B 30 -10.15 17.02 -26.70
C ASP B 30 -10.07 16.32 -25.33
N PRO B 31 -11.24 16.00 -24.73
CA PRO B 31 -11.30 15.28 -23.44
C PRO B 31 -10.34 14.10 -23.30
N GLN B 32 -10.10 13.38 -24.41
CA GLN B 32 -9.17 12.24 -24.44
C GLN B 32 -7.68 12.64 -24.35
N ASN B 33 -7.35 13.83 -24.84
CA ASN B 33 -5.97 14.33 -24.86
C ASN B 33 -5.62 15.23 -23.68
N LYS B 34 -6.56 15.39 -22.77
CA LYS B 34 -6.32 16.09 -21.52
C LYS B 34 -5.74 15.09 -20.51
N LYS B 35 -4.48 15.31 -20.12
CA LYS B 35 -3.78 14.45 -19.17
C LYS B 35 -4.01 14.93 -17.75
N LYS B 36 -4.88 14.24 -17.03
CA LYS B 36 -5.27 14.65 -15.68
C LYS B 36 -4.22 14.39 -14.60
N GLY B 37 -4.18 15.29 -13.63
CA GLY B 37 -3.49 15.06 -12.37
C GLY B 37 -4.54 15.11 -11.28
N TRP B 38 -4.13 14.82 -10.05
CA TRP B 38 -5.04 14.86 -8.91
C TRP B 38 -4.36 15.48 -7.71
N TRP B 39 -5.06 16.40 -7.08
CA TRP B 39 -4.56 17.06 -5.88
C TRP B 39 -5.40 16.54 -4.72
N TYR B 40 -4.74 16.23 -3.61
CA TYR B 40 -5.41 15.66 -2.43
C TYR B 40 -4.94 16.38 -1.17
N ALA B 41 -5.87 16.55 -0.23
CA ALA B 41 -5.53 17.07 1.10
C ALA B 41 -6.12 16.21 2.23
N HIS B 42 -5.31 15.97 3.26
CA HIS B 42 -5.75 15.37 4.49
C HIS B 42 -5.78 16.49 5.55
N PHE B 43 -6.96 16.82 6.05
CA PHE B 43 -7.10 17.80 7.14
C PHE B 43 -7.30 17.13 8.49
N ASP B 44 -6.43 17.47 9.44
CA ASP B 44 -6.51 16.99 10.81
C ASP B 44 -7.23 18.05 11.65
N GLY B 45 -8.54 17.90 11.79
CA GLY B 45 -9.37 19.00 12.27
C GLY B 45 -9.33 20.13 11.25
N PRO B 46 -9.17 21.38 11.70
CA PRO B 46 -9.08 22.52 10.79
C PRO B 46 -7.71 22.66 10.09
N TRP B 47 -6.72 21.88 10.53
CA TRP B 47 -5.35 22.03 10.06
C TRP B 47 -5.00 21.00 8.99
N ILE B 48 -4.29 21.43 7.95
CA ILE B 48 -3.80 20.52 6.93
C ILE B 48 -2.66 19.67 7.52
N ALA B 49 -2.75 18.35 7.35
CA ALA B 49 -1.74 17.43 7.85
C ALA B 49 -0.85 16.89 6.72
N ARG B 50 -1.49 16.52 5.61
CA ARG B 50 -0.79 15.96 4.45
C ARG B 50 -1.37 16.55 3.18
N GLN B 51 -0.49 16.79 2.21
CA GLN B 51 -0.87 17.22 0.88
C GLN B 51 -0.17 16.31 -0.12
N MET B 52 -0.90 15.92 -1.16
CA MET B 52 -0.42 14.98 -2.15
C MET B 52 -0.88 15.41 -3.54
N GLU B 53 0.06 15.38 -4.50
CA GLU B 53 -0.24 15.82 -5.85
C GLU B 53 0.25 14.78 -6.85
N LEU B 54 -0.69 14.22 -7.58
CA LEU B 54 -0.37 13.24 -8.59
C LEU B 54 -0.32 13.95 -9.93
N HIS B 55 0.87 14.04 -10.50
CA HIS B 55 1.09 14.77 -11.76
C HIS B 55 1.23 13.88 -13.01
N PRO B 56 0.70 14.36 -14.15
CA PRO B 56 0.75 13.57 -15.39
C PRO B 56 2.12 13.42 -16.04
N ASP B 57 3.10 14.27 -15.70
CA ASP B 57 4.38 14.30 -16.43
C ASP B 57 5.65 14.41 -15.56
N LYS B 58 5.45 14.41 -14.24
CA LYS B 58 6.56 14.51 -13.29
C LYS B 58 6.26 13.70 -12.03
N PRO B 59 7.28 13.47 -11.16
CA PRO B 59 7.05 12.58 -10.01
C PRO B 59 5.93 13.09 -9.11
N PRO B 60 5.27 12.19 -8.37
CA PRO B 60 4.33 12.64 -7.36
C PRO B 60 4.98 13.56 -6.32
N ILE B 61 4.18 14.46 -5.75
CA ILE B 61 4.61 15.36 -4.69
C ILE B 61 3.89 14.97 -3.40
N LEU B 62 4.68 14.60 -2.39
CA LEU B 62 4.15 14.32 -1.08
C LEU B 62 4.63 15.39 -0.11
N LEU B 63 3.70 15.89 0.72
CA LEU B 63 3.98 16.96 1.67
C LEU B 63 3.36 16.63 3.02
N VAL B 64 4.16 16.74 4.08
CA VAL B 64 3.65 16.56 5.45
C VAL B 64 3.81 17.86 6.27
N ALA B 65 2.80 18.19 7.09
CA ALA B 65 2.88 19.39 7.94
C ALA B 65 4.00 19.21 8.95
N GLY B 66 4.74 20.28 9.23
CA GLY B 66 5.95 20.19 10.06
C GLY B 66 7.18 20.31 9.19
N LYS B 67 7.36 19.36 8.29
CA LYS B 67 8.50 19.33 7.38
C LYS B 67 8.33 20.24 6.17
N ASP B 68 7.14 20.22 5.56
CA ASP B 68 6.93 20.82 4.23
C ASP B 68 6.01 22.05 4.20
N ASP B 69 5.85 22.72 5.34
CA ASP B 69 4.84 23.78 5.48
C ASP B 69 4.86 24.91 4.47
N MET B 70 6.05 25.31 4.03
CA MET B 70 6.20 26.40 3.06
C MET B 70 5.68 26.05 1.66
N GLU B 71 5.60 24.75 1.36
CA GLU B 71 5.13 24.27 0.06
C GLU B 71 3.63 23.97 0.04
N MET B 72 3.04 23.82 1.24
CA MET B 72 1.64 23.38 1.37
C MET B 72 0.66 24.55 1.35
N CYS B 73 -0.57 24.26 0.93
CA CYS B 73 -1.70 25.16 1.14
C CYS B 73 -1.71 25.70 2.58
N GLU B 74 -1.76 27.02 2.71
CA GLU B 74 -1.68 27.71 3.99
C GLU B 74 -3.04 27.93 4.64
N LEU B 75 -4.09 27.76 3.85
CA LEU B 75 -5.47 27.94 4.30
C LEU B 75 -5.93 26.79 5.22
N ASN B 76 -6.62 27.13 6.31
CA ASN B 76 -7.25 26.10 7.14
C ASN B 76 -8.55 25.65 6.50
N LEU B 77 -9.14 24.54 6.99
CA LEU B 77 -10.23 23.87 6.27
C LEU B 77 -11.40 24.80 5.88
N GLU B 78 -11.80 25.64 6.83
CA GLU B 78 -12.94 26.52 6.66
C GLU B 78 -12.69 27.56 5.58
N GLU B 79 -11.45 28.03 5.46
CA GLU B 79 -11.12 29.08 4.52
C GLU B 79 -10.84 28.59 3.09
N THR B 80 -10.82 27.26 2.90
CA THR B 80 -10.67 26.69 1.56
C THR B 80 -12.02 26.55 0.84
N GLY B 81 -13.07 26.25 1.61
CA GLY B 81 -14.40 25.97 1.04
C GLY B 81 -14.55 24.56 0.49
N LEU B 82 -13.53 23.72 0.72
CA LEU B 82 -13.53 22.32 0.23
C LEU B 82 -14.72 21.51 0.73
N THR B 83 -15.15 21.80 1.96
CA THR B 83 -16.35 21.19 2.54
C THR B 83 -17.65 21.66 1.84
N ARG B 84 -17.56 22.68 1.00
CA ARG B 84 -18.73 23.22 0.31
C ARG B 84 -18.72 22.93 -1.20
N LYS B 85 -17.70 22.22 -1.66
CA LYS B 85 -17.63 21.81 -3.06
C LYS B 85 -18.09 20.37 -3.23
N ARG B 86 -19.22 20.22 -3.91
CA ARG B 86 -19.76 18.92 -4.27
C ARG B 86 -18.68 18.11 -4.99
N GLY B 87 -18.49 16.88 -4.54
CA GLY B 87 -17.54 15.96 -5.16
C GLY B 87 -16.11 16.01 -4.66
N ALA B 88 -15.75 17.07 -3.95
CA ALA B 88 -14.38 17.24 -3.47
C ALA B 88 -14.00 16.25 -2.35
N GLU B 89 -14.92 16.03 -1.42
CA GLU B 89 -14.64 15.17 -0.27
C GLU B 89 -14.57 13.69 -0.68
N ILE B 90 -13.57 13.02 -0.12
CA ILE B 90 -13.36 11.60 -0.35
C ILE B 90 -13.25 10.86 0.98
N LEU B 91 -13.36 9.54 0.89
CA LEU B 91 -13.16 8.65 2.03
C LEU B 91 -11.65 8.48 2.32
N PRO B 92 -11.31 8.14 3.60
CA PRO B 92 -9.90 7.90 3.95
C PRO B 92 -9.13 6.99 3.00
N ARG B 93 -9.74 5.87 2.57
CA ARG B 93 -9.05 4.92 1.70
C ARG B 93 -8.74 5.49 0.30
N GLN B 94 -9.60 6.36 -0.21
CA GLN B 94 -9.31 7.03 -1.48
C GLN B 94 -8.05 7.93 -1.42
N PHE B 95 -7.74 8.48 -0.25
CA PHE B 95 -6.46 9.18 -0.02
C PHE B 95 -5.32 8.19 0.27
N GLU B 96 -5.57 7.24 1.15
CA GLU B 96 -4.50 6.34 1.64
C GLU B 96 -3.93 5.40 0.59
N GLU B 97 -4.79 4.84 -0.28
CA GLU B 97 -4.37 3.96 -1.37
CA GLU B 97 -4.30 3.95 -1.31
C GLU B 97 -3.31 4.65 -2.24
N ILE B 98 -3.59 5.92 -2.58
CA ILE B 98 -2.70 6.71 -3.44
C ILE B 98 -1.42 7.12 -2.70
N TRP B 99 -1.58 7.56 -1.45
CA TRP B 99 -0.48 7.94 -0.59
C TRP B 99 0.53 6.80 -0.47
N GLU B 100 0.03 5.57 -0.26
CA GLU B 100 0.88 4.38 -0.18
C GLU B 100 1.67 4.17 -1.47
N ARG B 101 0.97 4.18 -2.59
CA ARG B 101 1.56 3.88 -3.89
C ARG B 101 2.66 4.89 -4.27
N CYS B 102 2.59 6.10 -3.71
CA CYS B 102 3.55 7.17 -3.98
C CYS B 102 4.78 7.14 -3.05
N GLY B 103 4.85 6.14 -2.18
CA GLY B 103 5.92 6.05 -1.18
C GLY B 103 5.61 6.85 0.07
N GLY B 104 4.33 7.01 0.38
CA GLY B 104 3.91 7.90 1.47
C GLY B 104 4.24 7.46 2.89
N ILE B 105 4.27 6.15 3.11
CA ILE B 105 4.48 5.62 4.46
C ILE B 105 5.92 5.79 4.94
N GLN B 106 6.89 5.56 4.05
CA GLN B 106 8.29 5.79 4.35
C GLN B 106 8.59 7.27 4.40
N TYR B 107 7.91 8.04 3.55
CA TYR B 107 8.09 9.48 3.51
C TYR B 107 7.69 10.10 4.84
N LEU B 108 6.58 9.60 5.39
CA LEU B 108 6.06 10.05 6.67
C LEU B 108 6.98 9.62 7.82
N GLN B 109 7.45 8.37 7.76
CA GLN B 109 8.36 7.81 8.75
C GLN B 109 9.71 8.54 8.80
N SER B 110 10.27 8.83 7.63
CA SER B 110 11.55 9.54 7.52
CA SER B 110 11.55 9.53 7.53
C SER B 110 11.44 11.00 7.93
N ALA B 111 10.24 11.56 7.83
CA ALA B 111 9.98 12.95 8.21
C ALA B 111 10.02 13.13 9.73
N ILE B 112 9.53 12.11 10.44
CA ILE B 112 9.49 12.10 11.90
C ILE B 112 10.90 12.18 12.54
N GLU B 113 11.84 11.40 12.02
CA GLU B 113 13.25 11.44 12.47
C GLU B 113 13.91 12.79 12.21
N SER B 114 13.83 13.26 10.96
CA SER B 114 14.42 14.54 10.56
C SER B 114 13.53 15.71 10.94
N ASP C 9 16.36 -3.37 19.78
CA ASP C 9 16.58 -4.51 18.83
C ASP C 9 15.34 -5.40 18.69
N MET C 10 14.17 -4.79 18.85
CA MET C 10 12.89 -5.41 18.49
C MET C 10 12.85 -5.60 16.98
N LYS C 11 13.43 -4.63 16.26
CA LYS C 11 13.57 -4.64 14.81
C LYS C 11 14.39 -5.84 14.28
N ARG C 12 15.41 -6.25 15.04
CA ARG C 12 16.27 -7.40 14.72
C ARG C 12 15.55 -8.75 14.80
N GLN C 13 14.47 -8.79 15.59
CA GLN C 13 13.66 -10.00 15.73
C GLN C 13 12.70 -10.16 14.54
N GLN C 14 12.59 -9.11 13.73
CA GLN C 14 11.63 -9.08 12.63
C GLN C 14 12.24 -9.73 11.38
N ARG C 15 11.60 -10.79 10.90
CA ARG C 15 12.06 -11.46 9.69
C ARG C 15 10.94 -11.77 8.68
N PHE C 16 11.23 -11.51 7.41
CA PHE C 16 10.25 -11.52 6.33
C PHE C 16 10.62 -12.51 5.23
N PHE C 17 9.63 -13.26 4.76
CA PHE C 17 9.90 -14.27 3.75
C PHE C 17 8.86 -14.25 2.65
N ARG C 18 9.30 -14.61 1.44
CA ARG C 18 8.45 -14.69 0.27
C ARG C 18 8.73 -16.00 -0.46
N ILE C 19 7.69 -16.76 -0.78
CA ILE C 19 7.86 -17.92 -1.66
C ILE C 19 6.94 -17.80 -2.88
N PRO C 20 7.54 -17.59 -4.07
CA PRO C 20 6.77 -17.61 -5.30
C PRO C 20 6.21 -19.01 -5.47
N PHE C 21 5.01 -19.11 -6.01
CA PHE C 21 4.44 -20.44 -6.27
C PHE C 21 3.62 -20.44 -7.55
N ILE C 22 3.33 -21.64 -8.05
CA ILE C 22 2.35 -21.86 -9.12
C ILE C 22 1.38 -22.95 -8.67
N ARG C 23 0.21 -23.00 -9.31
CA ARG C 23 -0.72 -24.09 -9.08
C ARG C 23 -0.17 -25.36 -9.74
N PRO C 24 -0.52 -26.54 -9.21
CA PRO C 24 -0.14 -27.83 -9.82
C PRO C 24 -0.55 -27.96 -11.29
N ALA C 25 -1.71 -27.39 -11.64
CA ALA C 25 -2.24 -27.37 -13.01
C ALA C 25 -1.30 -26.73 -14.03
N ASP C 26 -0.47 -25.79 -13.57
CA ASP C 26 0.48 -25.05 -14.42
C ASP C 26 1.90 -25.59 -14.35
N GLN C 27 2.09 -26.74 -13.72
CA GLN C 27 3.43 -27.24 -13.43
C GLN C 27 4.27 -27.56 -14.68
N TYR C 28 3.61 -28.02 -15.74
CA TYR C 28 4.33 -28.44 -16.93
C TYR C 28 3.97 -27.57 -18.13
N LYS C 29 3.33 -26.43 -17.87
CA LYS C 29 3.00 -25.48 -18.91
C LYS C 29 4.22 -24.65 -19.34
N ASP C 30 4.13 -24.05 -20.52
CA ASP C 30 5.17 -23.13 -21.00
C ASP C 30 5.38 -22.01 -19.98
N PRO C 31 6.65 -21.67 -19.68
CA PRO C 31 7.01 -20.61 -18.73
C PRO C 31 6.11 -19.37 -18.76
N GLN C 32 5.67 -18.96 -19.95
CA GLN C 32 4.82 -17.79 -20.11
C GLN C 32 3.37 -18.03 -19.73
N ASN C 33 3.00 -19.29 -19.53
CA ASN C 33 1.66 -19.68 -19.12
C ASN C 33 1.59 -20.14 -17.67
N LYS C 34 2.70 -20.02 -16.94
CA LYS C 34 2.74 -20.33 -15.51
C LYS C 34 2.29 -19.12 -14.72
N LYS C 35 1.02 -19.11 -14.32
CA LYS C 35 0.45 -17.99 -13.56
C LYS C 35 0.91 -18.01 -12.08
N LYS C 36 1.94 -17.22 -11.80
CA LYS C 36 2.60 -17.18 -10.49
C LYS C 36 1.77 -16.51 -9.41
N GLY C 37 1.89 -17.01 -8.19
CA GLY C 37 1.40 -16.33 -7.01
C GLY C 37 2.57 -16.18 -6.06
N TRP C 38 2.35 -15.52 -4.92
CA TRP C 38 3.40 -15.28 -3.93
C TRP C 38 2.84 -15.38 -2.53
N TRP C 39 3.53 -16.16 -1.71
CA TRP C 39 3.20 -16.36 -0.32
C TRP C 39 4.23 -15.59 0.48
N TYR C 40 3.78 -14.89 1.53
CA TYR C 40 4.64 -14.03 2.33
C TYR C 40 4.39 -14.27 3.81
N ALA C 41 5.45 -14.20 4.61
CA ALA C 41 5.32 -14.21 6.06
C ALA C 41 6.20 -13.17 6.74
N HIS C 42 5.64 -12.53 7.77
CA HIS C 42 6.36 -11.67 8.69
C HIS C 42 6.42 -12.36 10.05
N PHE C 43 7.63 -12.74 10.45
CA PHE C 43 7.89 -13.30 11.78
C PHE C 43 8.32 -12.25 12.79
N ASP C 44 7.62 -12.20 13.91
CA ASP C 44 7.97 -11.37 15.04
C ASP C 44 8.61 -12.30 16.06
N GLY C 45 9.94 -12.36 16.03
CA GLY C 45 10.67 -13.41 16.72
C GLY C 45 10.29 -14.77 16.14
N PRO C 46 9.91 -15.72 17.01
CA PRO C 46 9.56 -17.09 16.59
C PRO C 46 8.20 -17.25 15.92
N TRP C 47 7.31 -16.28 16.09
CA TRP C 47 5.92 -16.48 15.69
C TRP C 47 5.53 -15.59 14.51
N ILE C 48 4.72 -16.13 13.59
CA ILE C 48 4.21 -15.33 12.47
C ILE C 48 3.27 -14.24 12.97
N ALA C 49 3.59 -13.00 12.63
CA ALA C 49 2.76 -11.84 12.96
C ALA C 49 1.74 -11.54 11.85
N ARG C 50 2.21 -11.56 10.61
CA ARG C 50 1.37 -11.39 9.42
C ARG C 50 1.69 -12.42 8.33
N GLN C 51 0.65 -12.92 7.68
CA GLN C 51 0.80 -13.77 6.51
C GLN C 51 0.00 -13.21 5.35
N MET C 52 0.54 -13.37 4.14
CA MET C 52 -0.03 -12.74 2.96
C MET C 52 0.16 -13.63 1.74
N GLU C 53 -0.88 -13.71 0.90
CA GLU C 53 -0.85 -14.56 -0.28
C GLU C 53 -1.52 -13.89 -1.46
N LEU C 54 -0.73 -13.63 -2.49
CA LEU C 54 -1.20 -13.21 -3.79
C LEU C 54 -1.45 -14.45 -4.63
N HIS C 55 -2.66 -14.56 -5.17
CA HIS C 55 -3.05 -15.72 -5.98
C HIS C 55 -3.39 -15.26 -7.39
N PRO C 56 -3.06 -16.10 -8.39
CA PRO C 56 -3.37 -15.76 -9.78
C PRO C 56 -4.85 -15.88 -10.14
N ASP C 57 -5.67 -16.48 -9.28
CA ASP C 57 -7.06 -16.82 -9.64
C ASP C 57 -8.14 -16.58 -8.57
N LYS C 58 -7.77 -15.91 -7.48
CA LYS C 58 -8.72 -15.58 -6.42
C LYS C 58 -8.27 -14.32 -5.67
N PRO C 59 -9.10 -13.83 -4.71
CA PRO C 59 -8.69 -12.63 -3.96
C PRO C 59 -7.43 -12.87 -3.13
N PRO C 60 -6.65 -11.81 -2.86
CA PRO C 60 -5.50 -11.93 -1.97
C PRO C 60 -5.92 -12.31 -0.55
N ILE C 61 -5.11 -13.13 0.10
CA ILE C 61 -5.35 -13.54 1.48
C ILE C 61 -4.46 -12.72 2.43
N LEU C 62 -5.11 -12.02 3.37
CA LEU C 62 -4.42 -11.29 4.43
C LEU C 62 -4.76 -11.88 5.79
N LEU C 63 -3.72 -12.19 6.58
CA LEU C 63 -3.90 -12.84 7.90
C LEU C 63 -3.04 -12.20 8.99
N VAL C 64 -3.65 -11.90 10.13
CA VAL C 64 -2.92 -11.33 11.26
C VAL C 64 -3.03 -12.23 12.50
N ALA C 65 -1.98 -12.22 13.32
CA ALA C 65 -1.92 -12.93 14.59
C ALA C 65 -3.10 -12.56 15.50
N GLY C 66 -3.64 -13.56 16.19
CA GLY C 66 -4.77 -13.37 17.10
C GLY C 66 -6.07 -13.62 16.38
N LYS C 67 -6.44 -12.70 15.49
CA LYS C 67 -7.64 -12.81 14.65
C LYS C 67 -7.63 -14.06 13.78
N ASP C 68 -6.52 -14.31 13.09
CA ASP C 68 -6.48 -15.33 12.05
C ASP C 68 -5.62 -16.56 12.36
N ASP C 69 -5.51 -16.92 13.64
CA ASP C 69 -4.65 -18.04 14.08
C ASP C 69 -4.94 -19.38 13.40
N MET C 70 -6.22 -19.70 13.21
CA MET C 70 -6.59 -20.97 12.56
C MET C 70 -6.11 -21.07 11.12
N GLU C 71 -6.16 -19.95 10.38
CA GLU C 71 -5.80 -19.93 8.95
C GLU C 71 -4.30 -19.87 8.64
N MET C 72 -3.52 -19.33 9.59
CA MET C 72 -2.09 -19.10 9.37
C MET C 72 -1.26 -20.38 9.49
N CYS C 73 -0.05 -20.35 8.94
CA CYS C 73 0.94 -21.40 9.15
C CYS C 73 1.17 -21.58 10.65
N GLU C 74 1.15 -22.82 11.12
CA GLU C 74 1.20 -23.12 12.55
C GLU C 74 2.63 -23.25 13.09
N LEU C 75 3.59 -23.43 12.18
CA LEU C 75 4.99 -23.61 12.54
C LEU C 75 5.65 -22.32 12.99
N ASN C 76 6.59 -22.44 13.92
CA ASN C 76 7.40 -21.29 14.33
C ASN C 76 8.57 -21.14 13.34
N LEU C 77 9.30 -20.02 13.41
CA LEU C 77 10.36 -19.74 12.42
C LEU C 77 11.37 -20.88 12.22
N GLU C 78 11.93 -21.41 13.31
CA GLU C 78 12.92 -22.51 13.21
C GLU C 78 12.35 -23.79 12.61
N GLU C 79 11.09 -24.09 12.97
CA GLU C 79 10.39 -25.26 12.45
C GLU C 79 10.12 -25.24 10.93
N THR C 80 10.08 -24.04 10.35
CA THR C 80 9.85 -23.89 8.90
C THR C 80 11.08 -24.20 8.06
N GLY C 81 12.27 -23.81 8.55
CA GLY C 81 13.49 -23.91 7.75
C GLY C 81 13.59 -22.84 6.68
N LEU C 82 12.89 -21.72 6.89
CA LEU C 82 12.86 -20.63 5.93
C LEU C 82 14.15 -19.82 5.93
N THR C 83 14.75 -19.71 7.12
CA THR C 83 16.04 -19.04 7.31
C THR C 83 17.19 -19.79 6.62
N ARG C 84 16.90 -21.00 6.14
CA ARG C 84 17.89 -21.85 5.50
C ARG C 84 17.55 -22.13 4.03
N LYS C 85 16.49 -21.47 3.56
CA LYS C 85 16.02 -21.58 2.19
C LYS C 85 16.54 -20.42 1.37
N ARG C 86 17.32 -20.74 0.36
CA ARG C 86 17.98 -19.76 -0.50
C ARG C 86 16.97 -18.86 -1.21
N GLY C 87 17.15 -17.55 -1.09
CA GLY C 87 16.30 -16.57 -1.78
C GLY C 87 14.89 -16.34 -1.22
N ALA C 88 14.56 -17.04 -0.12
CA ALA C 88 13.24 -16.90 0.53
C ALA C 88 13.11 -15.63 1.36
N GLU C 89 14.20 -15.20 2.00
CA GLU C 89 14.15 -14.00 2.82
C GLU C 89 14.10 -12.70 2.00
N ILE C 90 13.30 -11.77 2.49
CA ILE C 90 13.13 -10.46 1.88
C ILE C 90 13.31 -9.37 2.94
N LEU C 91 13.53 -8.15 2.46
CA LEU C 91 13.55 -6.96 3.29
C LEU C 91 12.13 -6.57 3.71
N PRO C 92 12.00 -5.88 4.87
CA PRO C 92 10.70 -5.40 5.36
C PRO C 92 9.84 -4.65 4.33
N ARG C 93 10.47 -3.75 3.57
CA ARG C 93 9.80 -2.95 2.53
C ARG C 93 9.19 -3.78 1.39
N GLN C 94 9.85 -4.88 1.04
CA GLN C 94 9.32 -5.84 0.06
C GLN C 94 8.01 -6.51 0.50
N PHE C 95 7.89 -6.79 1.81
CA PHE C 95 6.63 -7.25 2.40
C PHE C 95 5.63 -6.08 2.49
N GLU C 96 6.06 -4.94 3.06
CA GLU C 96 5.16 -3.80 3.31
C GLU C 96 4.49 -3.23 2.06
N GLU C 97 5.25 -3.14 0.97
CA GLU C 97 4.74 -2.64 -0.30
C GLU C 97 3.52 -3.43 -0.77
N ILE C 98 3.65 -4.75 -0.68
CA ILE C 98 2.59 -5.64 -1.13
C ILE C 98 1.44 -5.62 -0.13
N TRP C 99 1.79 -5.62 1.16
CA TRP C 99 0.81 -5.57 2.27
C TRP C 99 -0.09 -4.35 2.13
N GLU C 100 0.52 -3.21 1.85
CA GLU C 100 -0.20 -1.94 1.64
C GLU C 100 -1.15 -2.00 0.46
N ARG C 101 -0.66 -2.45 -0.70
CA ARG C 101 -1.45 -2.53 -1.93
C ARG C 101 -2.62 -3.52 -1.83
N CYS C 102 -2.56 -4.41 -0.86
CA CYS C 102 -3.63 -5.38 -0.62
C CYS C 102 -4.71 -4.85 0.32
N GLY C 103 -4.50 -3.67 0.89
CA GLY C 103 -5.37 -3.14 1.93
C GLY C 103 -5.00 -3.63 3.31
N GLY C 104 -3.73 -4.01 3.51
CA GLY C 104 -3.29 -4.60 4.77
C GLY C 104 -3.31 -3.64 5.95
N ILE C 105 -3.04 -2.37 5.69
CA ILE C 105 -3.08 -1.36 6.74
C ILE C 105 -4.51 -1.23 7.32
N GLN C 106 -5.51 -1.15 6.44
CA GLN C 106 -6.93 -1.14 6.81
C GLN C 106 -7.30 -2.45 7.50
N TYR C 107 -6.88 -3.59 6.92
CA TYR C 107 -7.06 -4.88 7.56
C TYR C 107 -6.52 -4.92 9.01
N LEU C 108 -5.26 -4.53 9.21
CA LEU C 108 -4.66 -4.57 10.56
C LEU C 108 -5.29 -3.54 11.52
N GLN C 109 -5.58 -2.35 11.00
CA GLN C 109 -6.22 -1.28 11.78
C GLN C 109 -7.57 -1.73 12.33
N SER C 110 -8.35 -2.43 11.50
CA SER C 110 -9.66 -2.96 11.91
C SER C 110 -9.56 -4.03 13.01
N ALA C 111 -8.59 -4.94 12.86
CA ALA C 111 -8.35 -6.00 13.84
C ALA C 111 -7.83 -5.45 15.18
N ILE C 112 -7.14 -4.32 15.14
CA ILE C 112 -6.73 -3.61 16.36
C ILE C 112 -7.93 -2.93 17.01
N GLU C 113 -8.79 -2.33 16.17
CA GLU C 113 -10.00 -1.65 16.66
C GLU C 113 -11.01 -2.63 17.28
N SER C 114 -11.14 -3.80 16.68
CA SER C 114 -11.99 -4.87 17.22
C SER C 114 -11.24 -5.68 18.29
N ARG C 115 -10.03 -5.22 18.63
CA ARG C 115 -9.15 -5.84 19.64
C ARG C 115 -8.75 -7.29 19.32
N GLN C 116 -9.12 -7.77 18.14
CA GLN C 116 -8.81 -9.15 17.69
C GLN C 116 -7.34 -9.38 17.38
N ALA C 117 -6.63 -8.33 16.97
CA ALA C 117 -5.21 -8.45 16.69
C ALA C 117 -4.40 -8.62 17.98
N ARG C 118 -3.62 -9.69 18.07
CA ARG C 118 -2.68 -9.88 19.16
CA ARG C 118 -2.69 -9.86 19.18
C ARG C 118 -1.55 -8.85 19.03
N PRO C 119 -1.16 -8.20 20.15
CA PRO C 119 -0.04 -7.25 20.05
C PRO C 119 1.24 -7.88 19.52
N THR C 120 1.76 -7.30 18.45
CA THR C 120 3.02 -7.74 17.85
C THR C 120 3.78 -6.50 17.46
N TYR C 121 4.96 -6.68 16.91
CA TYR C 121 5.72 -5.58 16.36
C TYR C 121 4.95 -4.87 15.24
N ALA C 122 4.11 -5.62 14.53
CA ALA C 122 3.30 -5.08 13.43
C ALA C 122 2.22 -4.12 13.93
N THR C 123 1.51 -4.52 14.99
CA THR C 123 0.50 -3.64 15.61
C THR C 123 1.17 -2.45 16.30
N ALA C 124 2.34 -2.67 16.90
CA ALA C 124 3.12 -1.59 17.52
C ALA C 124 3.57 -0.57 16.48
N MET C 125 4.02 -1.05 15.33
CA MET C 125 4.44 -0.17 14.24
C MET C 125 3.31 0.67 13.67
N LEU C 126 2.13 0.05 13.49
CA LEU C 126 0.98 0.75 12.96
C LEU C 126 0.45 1.82 13.91
N GLN C 127 0.60 1.57 15.21
CA GLN C 127 0.19 2.51 16.26
C GLN C 127 1.14 3.71 16.39
N ASN C 128 2.44 3.47 16.27
CA ASN C 128 3.43 4.55 16.24
C ASN C 128 3.26 5.46 15.03
N LEU C 129 2.76 4.89 13.94
CA LEU C 129 2.42 5.63 12.73
C LEU C 129 1.22 6.57 12.93
N LEU C 130 0.24 6.11 13.71
CA LEU C 130 -0.99 6.87 13.97
C LEU C 130 -0.87 7.73 15.22
N LYS D 11 23.16 -2.15 19.50
CA LYS D 11 23.06 -0.68 19.80
C LYS D 11 22.59 0.16 18.61
N ARG D 12 22.90 -0.29 17.39
CA ARG D 12 22.49 0.40 16.17
C ARG D 12 21.97 -0.57 15.10
N GLN D 13 21.19 -0.03 14.17
CA GLN D 13 20.65 -0.83 13.07
C GLN D 13 21.69 -1.02 11.97
N GLN D 14 21.89 -2.27 11.57
CA GLN D 14 22.79 -2.62 10.47
C GLN D 14 22.04 -2.65 9.13
N ARG D 15 22.43 -1.79 8.21
CA ARG D 15 21.81 -1.73 6.90
C ARG D 15 22.83 -1.82 5.76
N PHE D 16 22.52 -2.66 4.77
CA PHE D 16 23.40 -2.99 3.64
C PHE D 16 22.76 -2.57 2.31
N PHE D 17 23.59 -2.10 1.38
CA PHE D 17 23.15 -1.52 0.11
C PHE D 17 24.07 -1.99 -1.00
N ARG D 18 23.50 -2.14 -2.19
CA ARG D 18 24.24 -2.57 -3.37
C ARG D 18 23.85 -1.74 -4.58
N ILE D 19 24.85 -1.20 -5.29
CA ILE D 19 24.60 -0.49 -6.55
C ILE D 19 25.40 -1.14 -7.67
N PRO D 20 24.71 -1.82 -8.61
CA PRO D 20 25.39 -2.28 -9.82
C PRO D 20 25.79 -1.06 -10.64
N PHE D 21 26.91 -1.14 -11.35
CA PHE D 21 27.39 0.00 -12.11
C PHE D 21 28.12 -0.45 -13.38
N ILE D 22 28.24 0.46 -14.35
CA ILE D 22 29.12 0.24 -15.51
C ILE D 22 30.16 1.34 -15.58
N ARG D 23 31.27 1.07 -16.28
CA ARG D 23 32.34 2.08 -16.44
C ARG D 23 31.81 3.28 -17.20
N PRO D 24 32.19 4.51 -16.78
CA PRO D 24 31.78 5.73 -17.49
C PRO D 24 32.07 5.70 -19.00
N ALA D 25 33.14 4.99 -19.37
CA ALA D 25 33.51 4.83 -20.77
C ALA D 25 32.63 3.82 -21.54
N ASP D 26 31.67 3.19 -20.86
CA ASP D 26 30.81 2.16 -21.46
C ASP D 26 29.36 2.60 -21.73
N GLN D 27 29.03 3.84 -21.38
CA GLN D 27 27.65 4.36 -21.44
C GLN D 27 26.98 4.37 -22.83
N TYR D 28 27.79 4.36 -23.90
CA TYR D 28 27.28 4.45 -25.28
C TYR D 28 27.84 3.36 -26.18
N LYS D 29 28.12 2.20 -25.58
CA LYS D 29 28.45 1.01 -26.34
C LYS D 29 27.20 0.15 -26.33
N ASP D 30 27.15 -0.87 -27.19
CA ASP D 30 26.03 -1.79 -27.21
C ASP D 30 26.01 -2.62 -25.92
N PRO D 31 24.79 -2.99 -25.43
CA PRO D 31 24.56 -3.76 -24.19
C PRO D 31 25.60 -4.83 -23.88
N GLN D 32 25.98 -5.60 -24.89
CA GLN D 32 26.90 -6.74 -24.73
C GLN D 32 28.35 -6.33 -24.43
N ASN D 33 28.67 -5.06 -24.67
CA ASN D 33 29.99 -4.51 -24.40
C ASN D 33 30.10 -3.83 -23.02
N LYS D 34 28.98 -3.67 -22.33
CA LYS D 34 28.95 -3.01 -21.02
C LYS D 34 29.31 -3.98 -19.88
N LYS D 35 30.54 -3.87 -19.39
CA LYS D 35 31.02 -4.73 -18.30
C LYS D 35 30.56 -4.18 -16.94
N LYS D 36 29.83 -5.01 -16.20
CA LYS D 36 29.17 -4.61 -14.95
C LYS D 36 30.06 -4.84 -13.71
N GLY D 37 29.93 -3.92 -12.76
CA GLY D 37 30.52 -4.08 -11.43
C GLY D 37 29.45 -3.83 -10.40
N TRP D 38 29.79 -4.02 -9.13
CA TRP D 38 28.86 -3.84 -8.02
C TRP D 38 29.56 -3.13 -6.87
N TRP D 39 28.88 -2.11 -6.35
CA TRP D 39 29.34 -1.36 -5.20
C TRP D 39 28.45 -1.77 -4.04
N TYR D 40 29.06 -1.93 -2.86
CA TYR D 40 28.35 -2.33 -1.65
C TYR D 40 28.72 -1.46 -0.46
N ALA D 41 27.77 -1.28 0.45
CA ALA D 41 28.01 -0.55 1.69
C ALA D 41 27.28 -1.20 2.86
N HIS D 42 28.02 -1.35 3.96
CA HIS D 42 27.46 -1.76 5.23
C HIS D 42 27.45 -0.55 6.15
N PHE D 43 26.25 -0.09 6.50
CA PHE D 43 26.06 0.99 7.47
C PHE D 43 25.79 0.46 8.86
N ASP D 44 26.63 0.86 9.80
CA ASP D 44 26.45 0.57 11.22
C ASP D 44 25.84 1.83 11.86
N GLY D 45 24.51 1.84 11.94
CA GLY D 45 23.78 3.07 12.27
C GLY D 45 23.89 4.06 11.12
N PRO D 46 24.08 5.36 11.42
CA PRO D 46 24.28 6.37 10.37
C PRO D 46 25.60 6.23 9.59
N TRP D 47 26.58 5.51 10.12
CA TRP D 47 27.93 5.54 9.56
C TRP D 47 28.37 4.25 8.91
N ILE D 48 29.05 4.39 7.78
CA ILE D 48 29.54 3.28 7.01
C ILE D 48 30.65 2.53 7.76
N ALA D 49 30.53 1.20 7.85
CA ALA D 49 31.52 0.37 8.54
C ALA D 49 32.43 -0.35 7.55
N ARG D 50 31.85 -0.74 6.42
CA ARG D 50 32.54 -1.47 5.37
C ARG D 50 32.03 -1.04 4.01
N GLN D 51 32.96 -0.94 3.07
CA GLN D 51 32.66 -0.67 1.68
C GLN D 51 33.35 -1.70 0.80
N MET D 52 32.70 -2.08 -0.29
CA MET D 52 33.20 -3.12 -1.18
C MET D 52 32.84 -2.80 -2.63
N GLU D 53 33.80 -2.97 -3.51
CA GLU D 53 33.61 -2.66 -4.92
C GLU D 53 34.16 -3.78 -5.78
N LEU D 54 33.26 -4.47 -6.47
CA LEU D 54 33.64 -5.47 -7.46
C LEU D 54 33.75 -4.79 -8.83
N HIS D 55 34.92 -4.87 -9.44
CA HIS D 55 35.19 -4.24 -10.75
C HIS D 55 35.51 -5.31 -11.80
N PRO D 56 35.12 -5.07 -13.06
CA PRO D 56 35.38 -6.08 -14.08
C PRO D 56 36.80 -5.99 -14.63
N ASP D 57 37.54 -4.95 -14.26
CA ASP D 57 38.84 -4.66 -14.89
C ASP D 57 40.01 -4.43 -13.91
N LYS D 58 39.75 -4.56 -12.61
CA LYS D 58 40.79 -4.39 -11.57
C LYS D 58 40.48 -5.23 -10.32
N PRO D 59 41.44 -5.31 -9.37
CA PRO D 59 41.20 -6.04 -8.12
C PRO D 59 40.00 -5.49 -7.31
N PRO D 60 39.28 -6.37 -6.59
CA PRO D 60 38.19 -5.87 -5.73
C PRO D 60 38.70 -4.88 -4.69
N ILE D 61 37.96 -3.79 -4.50
CA ILE D 61 38.31 -2.79 -3.49
C ILE D 61 37.55 -3.08 -2.19
N LEU D 62 38.29 -3.47 -1.15
CA LEU D 62 37.77 -3.68 0.19
C LEU D 62 38.19 -2.50 1.08
N LEU D 63 37.24 -1.96 1.84
CA LEU D 63 37.47 -0.76 2.67
C LEU D 63 36.77 -0.87 4.02
N VAL D 64 37.48 -0.54 5.10
CA VAL D 64 36.93 -0.55 6.46
C VAL D 64 37.07 0.81 7.17
N ALA D 65 36.05 1.15 7.96
CA ALA D 65 36.06 2.35 8.79
C ALA D 65 37.33 2.48 9.65
N GLY D 66 37.92 3.68 9.63
CA GLY D 66 39.22 3.90 10.25
C GLY D 66 40.28 4.00 9.17
N LYS D 67 40.99 2.90 8.97
CA LYS D 67 42.04 2.79 7.93
C LYS D 67 41.70 3.50 6.61
N ASP D 68 40.48 3.31 6.14
CA ASP D 68 40.08 3.70 4.79
C ASP D 68 39.09 4.86 4.73
N ASP D 69 38.98 5.62 5.81
CA ASP D 69 38.07 6.76 5.87
C ASP D 69 38.18 7.70 4.67
N MET D 70 39.41 7.96 4.25
CA MET D 70 39.72 8.86 3.14
C MET D 70 39.15 8.34 1.81
N GLU D 71 39.26 7.02 1.61
CA GLU D 71 38.81 6.36 0.38
C GLU D 71 37.31 6.05 0.32
N MET D 72 36.70 5.82 1.48
CA MET D 72 35.28 5.46 1.54
C MET D 72 34.35 6.64 1.27
N CYS D 73 33.10 6.32 0.95
CA CYS D 73 32.01 7.29 0.92
C CYS D 73 31.97 8.02 2.26
N GLU D 74 31.91 9.34 2.22
CA GLU D 74 31.97 10.15 3.43
C GLU D 74 30.59 10.60 3.93
N LEU D 75 29.56 10.34 3.14
CA LEU D 75 28.19 10.67 3.53
C LEU D 75 27.59 9.65 4.49
N ASN D 76 26.92 10.12 5.55
CA ASN D 76 26.17 9.23 6.43
C ASN D 76 24.89 8.70 5.75
N LEU D 77 24.22 7.74 6.37
CA LEU D 77 23.10 7.05 5.72
C LEU D 77 22.05 8.02 5.14
N GLU D 78 21.58 8.96 5.96
CA GLU D 78 20.52 9.86 5.52
C GLU D 78 20.90 10.78 4.36
N GLU D 79 22.15 11.22 4.30
CA GLU D 79 22.57 12.11 3.22
C GLU D 79 23.01 11.39 1.93
N THR D 80 22.88 10.06 1.92
CA THR D 80 23.08 9.28 0.71
C THR D 80 21.78 9.17 -0.08
N GLY D 81 20.66 9.04 0.62
CA GLY D 81 19.37 8.77 0.00
C GLY D 81 19.25 7.32 -0.44
N LEU D 82 20.07 6.43 0.12
CA LEU D 82 20.08 5.02 -0.26
C LEU D 82 18.83 4.29 0.18
N THR D 83 18.30 4.70 1.33
CA THR D 83 17.04 4.14 1.84
C THR D 83 15.84 4.53 0.95
N ARG D 84 16.06 5.50 0.06
CA ARG D 84 15.03 6.00 -0.84
C ARG D 84 15.02 5.26 -2.18
N LYS D 85 16.19 4.78 -2.61
CA LYS D 85 16.36 4.13 -3.92
C LYS D 85 15.84 2.70 -3.97
N ARG D 86 14.95 2.45 -4.93
CA ARG D 86 14.37 1.12 -5.14
C ARG D 86 15.42 0.11 -5.60
N GLY D 87 15.42 -1.07 -4.96
CA GLY D 87 16.33 -2.15 -5.32
C GLY D 87 17.76 -2.01 -4.83
N ALA D 88 18.03 -0.96 -4.05
CA ALA D 88 19.37 -0.68 -3.52
C ALA D 88 19.71 -1.49 -2.27
N GLU D 89 18.75 -1.61 -1.36
CA GLU D 89 19.00 -2.34 -0.12
C GLU D 89 19.09 -3.86 -0.33
N ILE D 90 20.00 -4.49 0.40
CA ILE D 90 20.18 -5.93 0.36
C ILE D 90 20.17 -6.52 1.79
N LEU D 91 19.99 -7.84 1.90
CA LEU D 91 20.07 -8.51 3.17
C LEU D 91 21.53 -8.61 3.63
N PRO D 92 21.77 -8.76 4.95
CA PRO D 92 23.14 -8.96 5.46
C PRO D 92 23.94 -10.06 4.74
N ARG D 93 23.33 -11.24 4.52
CA ARG D 93 24.05 -12.35 3.86
C ARG D 93 24.49 -12.08 2.39
N GLN D 94 23.69 -11.31 1.65
CA GLN D 94 24.09 -10.84 0.30
C GLN D 94 25.36 -9.99 0.30
N PHE D 95 25.57 -9.23 1.38
CA PHE D 95 26.81 -8.50 1.55
C PHE D 95 27.93 -9.45 2.03
N GLU D 96 27.68 -10.15 3.13
CA GLU D 96 28.67 -11.05 3.75
C GLU D 96 29.29 -12.07 2.79
N GLU D 97 28.45 -12.68 1.96
CA GLU D 97 28.91 -13.72 1.04
C GLU D 97 29.93 -13.17 0.04
N ILE D 98 29.70 -11.96 -0.45
CA ILE D 98 30.60 -11.34 -1.43
C ILE D 98 31.89 -10.90 -0.72
N TRP D 99 31.70 -10.34 0.48
CA TRP D 99 32.78 -9.85 1.33
C TRP D 99 33.77 -10.96 1.64
N GLU D 100 33.26 -12.09 2.08
CA GLU D 100 34.09 -13.24 2.39
C GLU D 100 34.84 -13.82 1.17
N ARG D 101 34.17 -13.89 0.03
CA ARG D 101 34.82 -14.34 -1.21
C ARG D 101 35.92 -13.40 -1.71
N CYS D 102 35.93 -12.16 -1.20
CA CYS D 102 36.92 -11.16 -1.59
C CYS D 102 38.15 -11.14 -0.68
N GLY D 103 38.14 -11.98 0.35
CA GLY D 103 39.17 -11.98 1.37
C GLY D 103 38.91 -10.90 2.40
N GLY D 104 37.64 -10.58 2.61
CA GLY D 104 37.24 -9.49 3.50
C GLY D 104 37.46 -9.77 4.96
N ILE D 105 37.33 -11.03 5.35
CA ILE D 105 37.60 -11.49 6.72
C ILE D 105 39.05 -11.24 7.13
N GLN D 106 39.97 -11.59 6.23
CA GLN D 106 41.40 -11.40 6.48
C GLN D 106 41.76 -9.94 6.37
N TYR D 107 41.05 -9.21 5.52
CA TYR D 107 41.27 -7.77 5.38
C TYR D 107 40.91 -7.03 6.69
N LEU D 108 39.70 -7.27 7.20
CA LEU D 108 39.27 -6.64 8.44
C LEU D 108 40.14 -7.06 9.64
N GLN D 109 40.50 -8.35 9.69
CA GLN D 109 41.35 -8.92 10.75
C GLN D 109 42.74 -8.29 10.77
N SER D 110 43.32 -8.12 9.58
CA SER D 110 44.61 -7.47 9.42
C SER D 110 44.56 -6.03 9.97
N ALA D 111 43.53 -5.28 9.57
CA ALA D 111 43.34 -3.90 10.03
C ALA D 111 43.05 -3.79 11.53
N ILE D 112 42.44 -4.82 12.12
CA ILE D 112 42.22 -4.88 13.55
C ILE D 112 43.57 -5.00 14.30
N GLU D 113 44.34 -6.02 13.94
CA GLU D 113 45.59 -6.36 14.61
C GLU D 113 46.66 -5.28 14.52
N SER D 114 46.66 -4.52 13.43
CA SER D 114 47.59 -3.41 13.24
C SER D 114 47.06 -2.06 13.73
N ARG D 115 46.01 -2.10 14.56
CA ARG D 115 45.38 -0.89 15.12
CA ARG D 115 45.36 -0.90 15.10
C ARG D 115 45.00 0.14 14.04
N GLN D 116 44.38 -0.32 12.96
CA GLN D 116 43.92 0.59 11.90
C GLN D 116 42.40 0.59 11.77
N ALA D 117 41.74 -0.27 12.55
CA ALA D 117 40.31 -0.44 12.46
C ALA D 117 39.54 0.31 13.54
N ARG D 118 38.61 1.14 13.10
CA ARG D 118 37.60 1.69 14.00
C ARG D 118 36.65 0.58 14.48
N PRO D 119 36.32 0.58 15.79
CA PRO D 119 35.35 -0.40 16.30
C PRO D 119 33.94 -0.15 15.74
N THR D 120 33.39 -1.20 15.14
CA THR D 120 32.05 -1.16 14.55
C THR D 120 31.40 -2.51 14.85
N TYR D 121 30.12 -2.63 14.50
CA TYR D 121 29.45 -3.92 14.54
C TYR D 121 30.28 -4.99 13.79
N ALA D 122 30.92 -4.62 12.68
CA ALA D 122 31.74 -5.56 11.88
C ALA D 122 33.01 -6.06 12.59
N THR D 123 33.72 -5.18 13.29
CA THR D 123 34.90 -5.60 14.09
C THR D 123 34.46 -6.47 15.25
N ALA D 124 33.38 -6.05 15.92
CA ALA D 124 32.78 -6.82 17.01
C ALA D 124 32.43 -8.27 16.62
N MET D 125 31.96 -8.46 15.38
CA MET D 125 31.58 -9.80 14.90
C MET D 125 32.79 -10.70 14.64
N LEU D 126 33.86 -10.11 14.12
CA LEU D 126 35.09 -10.85 13.83
C LEU D 126 35.85 -11.21 15.12
N GLN D 127 35.86 -10.27 16.06
CA GLN D 127 36.56 -10.44 17.34
C GLN D 127 35.88 -11.45 18.27
N ASN D 128 34.56 -11.56 18.15
CA ASN D 128 33.77 -12.52 18.92
C ASN D 128 34.08 -13.99 18.53
N LEU D 129 33.92 -14.31 17.25
CA LEU D 129 34.22 -15.65 16.74
C LEU D 129 35.36 -15.64 15.73
N SER E 11 -11.23 -9.36 -2.23
CA SER E 11 -12.12 -8.22 -2.61
C SER E 11 -13.57 -8.69 -2.69
N GLY E 12 -14.47 -7.76 -3.08
CA GLY E 12 -15.89 -8.06 -3.29
C GLY E 12 -16.65 -8.38 -2.02
N THR E 13 -17.96 -8.51 -2.14
CA THR E 13 -18.78 -8.92 -0.99
C THR E 13 -18.79 -10.45 -0.83
N SER E 14 -19.05 -10.88 0.40
CA SER E 14 -19.13 -12.29 0.74
C SER E 14 -20.26 -13.00 -0.02
N SER E 15 -20.19 -14.33 -0.02
CA SER E 15 -21.18 -15.17 -0.67
C SER E 15 -22.53 -15.07 0.05
N ALA E 16 -22.50 -14.93 1.38
CA ALA E 16 -23.69 -14.72 2.20
C ALA E 16 -24.42 -13.41 1.83
N PHE E 17 -23.64 -12.36 1.55
CA PHE E 17 -24.21 -11.08 1.12
C PHE E 17 -24.75 -11.13 -0.32
N SER E 18 -23.95 -11.67 -1.23
CA SER E 18 -24.38 -11.86 -2.63
C SER E 18 -25.69 -12.63 -2.72
N SER E 19 -25.84 -13.65 -1.87
CA SER E 19 -27.07 -14.43 -1.81
C SER E 19 -28.22 -13.59 -1.29
N TYR E 20 -27.99 -12.93 -0.16
CA TYR E 20 -28.97 -11.99 0.41
C TYR E 20 -29.43 -10.95 -0.63
N PHE E 21 -28.46 -10.24 -1.24
CA PHE E 21 -28.77 -9.11 -2.12
C PHE E 21 -29.59 -9.52 -3.35
N ASN E 22 -29.20 -10.61 -3.99
CA ASN E 22 -29.95 -11.13 -5.15
C ASN E 22 -31.37 -11.60 -4.80
N ASN E 23 -31.52 -12.26 -3.65
CA ASN E 23 -32.82 -12.77 -3.21
C ASN E 23 -33.78 -11.71 -2.69
N LYS E 24 -33.22 -10.61 -2.18
CA LYS E 24 -34.01 -9.60 -1.48
C LYS E 24 -34.11 -8.24 -2.18
N VAL E 25 -33.12 -7.91 -3.02
CA VAL E 25 -33.01 -6.55 -3.58
C VAL E 25 -32.95 -6.54 -5.13
N GLY E 26 -31.89 -7.11 -5.68
CA GLY E 26 -31.76 -7.17 -7.12
C GLY E 26 -30.39 -7.59 -7.59
N ILE E 27 -30.06 -7.23 -8.82
CA ILE E 27 -28.77 -7.57 -9.40
C ILE E 27 -27.86 -6.38 -9.22
N PRO E 28 -26.81 -6.54 -8.38
CA PRO E 28 -25.88 -5.47 -8.07
C PRO E 28 -25.10 -4.96 -9.29
N GLN E 29 -24.92 -3.64 -9.36
CA GLN E 29 -24.18 -3.00 -10.44
C GLN E 29 -22.98 -2.27 -9.86
N GLU E 30 -22.01 -1.96 -10.71
CA GLU E 30 -20.75 -1.38 -10.27
C GLU E 30 -20.87 0.12 -10.03
N HIS E 31 -20.18 0.63 -9.02
CA HIS E 31 -20.03 2.06 -8.88
C HIS E 31 -18.76 2.51 -9.58
N VAL E 32 -18.88 3.50 -10.47
CA VAL E 32 -17.74 4.01 -11.21
C VAL E 32 -17.19 5.32 -10.61
N ASP E 33 -15.94 5.28 -10.19
CA ASP E 33 -15.18 6.49 -9.89
C ASP E 33 -13.98 6.56 -10.85
N HIS E 34 -14.09 7.36 -11.90
CA HIS E 34 -13.00 7.59 -12.87
C HIS E 34 -11.77 8.21 -12.24
N ASP E 35 -11.95 8.95 -11.16
CA ASP E 35 -10.83 9.62 -10.52
C ASP E 35 -9.96 8.66 -9.70
N ASP E 36 -10.59 7.64 -9.12
CA ASP E 36 -9.90 6.53 -8.46
C ASP E 36 -9.20 5.67 -9.50
N PHE E 37 -9.95 5.33 -10.55
CA PHE E 37 -9.49 4.45 -11.61
C PHE E 37 -8.31 5.06 -12.37
N ASP E 38 -8.50 6.29 -12.86
CA ASP E 38 -7.49 6.96 -13.67
C ASP E 38 -6.21 7.27 -12.89
N ALA E 39 -6.36 7.60 -11.61
CA ALA E 39 -5.19 7.90 -10.76
C ALA E 39 -4.37 6.63 -10.53
N ASN E 40 -5.07 5.51 -10.31
CA ASN E 40 -4.42 4.21 -10.18
C ASN E 40 -3.81 3.73 -11.50
N GLN E 41 -4.43 4.06 -12.63
CA GLN E 41 -3.84 3.74 -13.94
C GLN E 41 -2.56 4.52 -14.16
N LEU E 42 -2.56 5.80 -13.78
CA LEU E 42 -1.37 6.63 -13.89
C LEU E 42 -0.23 6.08 -13.03
N LEU E 43 -0.54 5.70 -11.79
CA LEU E 43 0.46 5.11 -10.89
C LEU E 43 0.99 3.76 -11.38
N ASN E 44 0.17 3.00 -12.09
CA ASN E 44 0.62 1.79 -12.79
C ASN E 44 1.79 2.09 -13.74
N LYS E 45 1.65 3.20 -14.48
CA LYS E 45 2.67 3.67 -15.42
C LYS E 45 3.90 4.26 -14.72
N ILE E 46 3.66 5.13 -13.73
CA ILE E 46 4.71 5.78 -12.94
C ILE E 46 5.62 4.76 -12.22
N ASN E 47 4.99 3.85 -11.47
CA ASN E 47 5.70 2.90 -10.61
C ASN E 47 6.22 1.65 -11.32
N GLU E 48 6.04 1.58 -12.64
CA GLU E 48 6.54 0.43 -13.38
C GLU E 48 8.04 0.20 -13.14
N GLY F 12 -19.11 26.25 -4.06
CA GLY F 12 -17.73 25.90 -4.51
C GLY F 12 -16.71 26.28 -3.46
N THR F 13 -15.43 26.19 -3.81
CA THR F 13 -14.36 26.59 -2.91
C THR F 13 -14.33 28.11 -2.81
N SER F 14 -13.56 28.61 -1.85
CA SER F 14 -13.39 30.04 -1.66
C SER F 14 -12.52 30.65 -2.77
N SER F 15 -12.56 31.98 -2.89
CA SER F 15 -11.75 32.69 -3.88
C SER F 15 -10.25 32.60 -3.56
N ALA F 16 -9.92 32.55 -2.27
CA ALA F 16 -8.54 32.32 -1.84
C ALA F 16 -8.04 30.95 -2.28
N PHE F 17 -8.86 29.90 -2.12
CA PHE F 17 -8.46 28.56 -2.57
C PHE F 17 -8.34 28.43 -4.09
N SER F 18 -9.33 28.95 -4.82
CA SER F 18 -9.32 28.98 -6.29
C SER F 18 -8.09 29.72 -6.81
N SER F 19 -7.76 30.84 -6.17
CA SER F 19 -6.59 31.62 -6.48
C SER F 19 -5.31 30.83 -6.21
N TYR F 20 -5.21 30.27 -5.00
CA TYR F 20 -4.12 29.36 -4.65
C TYR F 20 -3.96 28.22 -5.68
N PHE F 21 -5.05 27.53 -5.99
CA PHE F 21 -5.03 26.32 -6.83
C PHE F 21 -4.63 26.60 -8.28
N ASN F 22 -5.17 27.67 -8.85
CA ASN F 22 -4.86 28.02 -10.23
C ASN F 22 -3.42 28.49 -10.37
N ASN F 23 -2.90 29.15 -9.33
CA ASN F 23 -1.52 29.64 -9.34
C ASN F 23 -0.46 28.60 -9.00
N LYS F 24 -0.77 27.71 -8.06
CA LYS F 24 0.18 26.72 -7.57
C LYS F 24 0.06 25.32 -8.17
N VAL F 25 -1.11 24.97 -8.70
CA VAL F 25 -1.41 23.58 -9.05
C VAL F 25 -1.85 23.38 -10.50
N GLY F 26 -3.00 23.95 -10.87
CA GLY F 26 -3.50 23.80 -12.22
C GLY F 26 -4.96 24.17 -12.34
N ILE F 27 -5.59 23.72 -13.41
CA ILE F 27 -6.99 24.02 -13.68
C ILE F 27 -7.86 22.91 -13.11
N PRO F 28 -8.77 23.26 -12.21
CA PRO F 28 -9.61 22.29 -11.55
C PRO F 28 -10.63 21.69 -12.50
N GLN F 29 -10.82 20.38 -12.41
CA GLN F 29 -11.81 19.66 -13.19
C GLN F 29 -12.88 19.08 -12.26
N GLU F 30 -14.03 18.72 -12.83
CA GLU F 30 -15.13 18.14 -12.06
C GLU F 30 -14.89 16.67 -11.71
N HIS F 31 -15.34 16.31 -10.52
CA HIS F 31 -15.49 14.91 -10.17
C HIS F 31 -16.93 14.49 -10.47
N VAL F 32 -17.08 13.40 -11.22
CA VAL F 32 -18.39 12.85 -11.56
C VAL F 32 -18.78 11.67 -10.65
N ASP F 33 -19.98 11.74 -10.08
CA ASP F 33 -20.60 10.57 -9.44
C ASP F 33 -21.98 10.34 -10.05
N HIS F 34 -22.03 9.45 -11.04
CA HIS F 34 -23.29 9.05 -11.68
C HIS F 34 -24.34 8.53 -10.71
N ASP F 35 -23.91 7.82 -9.68
CA ASP F 35 -24.86 7.27 -8.69
C ASP F 35 -25.51 8.33 -7.77
N ASP F 36 -24.78 9.41 -7.47
CA ASP F 36 -25.33 10.55 -6.72
C ASP F 36 -26.29 11.30 -7.63
N PHE F 37 -25.86 11.54 -8.86
CA PHE F 37 -26.66 12.27 -9.85
C PHE F 37 -27.97 11.56 -10.18
N ASP F 38 -27.87 10.30 -10.62
CA ASP F 38 -29.04 9.49 -10.99
C ASP F 38 -30.02 9.25 -9.83
N ALA F 39 -29.50 8.96 -8.63
CA ALA F 39 -30.36 8.77 -7.44
C ALA F 39 -31.18 10.03 -7.12
N ASN F 40 -30.53 11.18 -7.23
CA ASN F 40 -31.20 12.46 -7.05
C ASN F 40 -32.18 12.85 -8.16
N GLN F 41 -31.85 12.55 -9.42
CA GLN F 41 -32.79 12.75 -10.53
C GLN F 41 -34.06 11.91 -10.32
N LEU F 42 -33.88 10.65 -9.91
CA LEU F 42 -34.97 9.74 -9.60
C LEU F 42 -35.88 10.28 -8.51
N LEU F 43 -35.27 10.78 -7.42
CA LEU F 43 -36.01 11.38 -6.32
C LEU F 43 -36.75 12.66 -6.69
N ASN F 44 -36.19 13.45 -7.61
CA ASN F 44 -36.88 14.63 -8.14
C ASN F 44 -38.20 14.23 -8.77
N LYS F 45 -38.19 13.08 -9.46
CA LYS F 45 -39.38 12.54 -10.11
C LYS F 45 -40.38 12.00 -9.08
N ILE F 46 -39.90 11.18 -8.13
CA ILE F 46 -40.73 10.62 -7.06
C ILE F 46 -41.44 11.71 -6.24
N ASN F 47 -40.71 12.78 -5.93
CA ASN F 47 -41.20 13.81 -5.00
C ASN F 47 -41.93 14.96 -5.68
N GLU F 48 -42.10 14.82 -6.99
CA GLU F 48 -42.68 15.87 -7.82
C GLU F 48 -44.09 16.27 -7.39
N SER G 11 19.73 -28.22 4.67
CA SER G 11 19.43 -26.90 4.06
C SER G 11 18.11 -26.94 3.27
N GLY G 12 17.54 -25.76 3.04
CA GLY G 12 16.19 -25.65 2.47
C GLY G 12 15.18 -25.67 3.60
N THR G 13 13.90 -25.69 3.26
CA THR G 13 12.84 -25.75 4.28
C THR G 13 12.67 -27.15 4.83
N SER G 14 12.01 -27.25 5.98
CA SER G 14 11.72 -28.53 6.61
C SER G 14 10.63 -29.29 5.84
N SER G 15 10.54 -30.59 6.07
CA SER G 15 9.54 -31.42 5.40
C SER G 15 8.13 -31.07 5.87
N ALA G 16 8.02 -30.59 7.12
CA ALA G 16 6.75 -30.11 7.65
C ALA G 16 6.25 -28.85 6.92
N PHE G 17 7.14 -27.91 6.62
CA PHE G 17 6.78 -26.72 5.85
C PHE G 17 6.52 -27.08 4.38
N SER G 18 7.41 -27.90 3.81
CA SER G 18 7.25 -28.41 2.45
C SER G 18 5.86 -29.00 2.27
N SER G 19 5.46 -29.87 3.20
CA SER G 19 4.16 -30.53 3.17
C SER G 19 3.05 -29.52 3.38
N TYR G 20 3.21 -28.64 4.37
CA TYR G 20 2.27 -27.55 4.62
C TYR G 20 2.07 -26.72 3.34
N PHE G 21 3.17 -26.30 2.74
CA PHE G 21 3.13 -25.40 1.59
C PHE G 21 2.43 -26.01 0.39
N ASN G 22 2.81 -27.24 0.04
CA ASN G 22 2.19 -27.96 -1.09
C ASN G 22 0.73 -28.34 -0.85
N ASN G 23 0.40 -28.60 0.41
CA ASN G 23 -0.98 -28.89 0.81
C ASN G 23 -1.91 -27.67 0.80
N LYS G 24 -1.46 -26.52 1.33
CA LYS G 24 -2.36 -25.36 1.50
C LYS G 24 -2.19 -24.22 0.48
N VAL G 25 -1.04 -24.15 -0.18
CA VAL G 25 -0.67 -23.01 -1.04
C VAL G 25 -0.53 -23.41 -2.53
N GLY G 26 0.54 -24.15 -2.85
CA GLY G 26 0.76 -24.62 -4.22
C GLY G 26 2.19 -25.05 -4.43
N ILE G 27 2.65 -25.01 -5.68
CA ILE G 27 4.01 -25.42 -6.04
C ILE G 27 4.99 -24.24 -6.01
N PRO G 28 5.97 -24.30 -5.10
CA PRO G 28 7.02 -23.28 -4.93
C PRO G 28 7.96 -23.15 -6.13
N GLN G 29 8.34 -21.90 -6.41
CA GLN G 29 9.23 -21.55 -7.52
C GLN G 29 10.44 -20.75 -7.03
N GLU G 30 11.56 -20.88 -7.75
CA GLU G 30 12.81 -20.19 -7.42
C GLU G 30 12.71 -18.66 -7.51
N HIS G 31 13.28 -17.97 -6.54
CA HIS G 31 13.54 -16.54 -6.69
C HIS G 31 14.92 -16.38 -7.32
N VAL G 32 15.00 -15.54 -8.34
CA VAL G 32 16.25 -15.29 -9.05
C VAL G 32 16.78 -13.91 -8.67
N ASP G 33 18.05 -13.84 -8.30
CA ASP G 33 18.72 -12.54 -8.20
C ASP G 33 19.93 -12.54 -9.13
N HIS G 34 19.82 -11.80 -10.24
CA HIS G 34 20.88 -11.72 -11.25
C HIS G 34 22.12 -11.02 -10.73
N ASP G 35 21.95 -10.14 -9.75
CA ASP G 35 23.08 -9.41 -9.19
C ASP G 35 23.91 -10.24 -8.21
N ASP G 36 23.25 -11.11 -7.43
CA ASP G 36 23.96 -12.13 -6.65
C ASP G 36 24.73 -13.05 -7.61
N PHE G 37 24.02 -13.53 -8.63
CA PHE G 37 24.54 -14.54 -9.54
C PHE G 37 25.71 -14.04 -10.37
N ASP G 38 25.56 -12.86 -10.97
CA ASP G 38 26.60 -12.27 -11.82
C ASP G 38 27.82 -11.82 -11.02
N ALA G 39 27.62 -11.30 -9.81
CA ALA G 39 28.76 -10.93 -8.96
C ALA G 39 29.57 -12.17 -8.55
N ASN G 40 28.86 -13.26 -8.26
CA ASN G 40 29.52 -14.55 -8.00
C ASN G 40 30.21 -15.18 -9.19
N GLN G 41 29.67 -14.95 -10.40
CA GLN G 41 30.35 -15.39 -11.64
C GLN G 41 31.64 -14.60 -11.86
N LEU G 42 31.56 -13.28 -11.69
CA LEU G 42 32.75 -12.43 -11.76
C LEU G 42 33.83 -12.86 -10.76
N LEU G 43 33.42 -13.10 -9.51
CA LEU G 43 34.36 -13.61 -8.49
C LEU G 43 34.99 -14.96 -8.84
N ASN G 44 34.23 -15.84 -9.47
CA ASN G 44 34.78 -17.08 -10.02
C ASN G 44 35.96 -16.83 -10.98
N LYS G 45 35.81 -15.85 -11.87
CA LYS G 45 36.89 -15.45 -12.79
C LYS G 45 38.05 -14.79 -12.04
N ILE G 46 37.72 -13.86 -11.13
CA ILE G 46 38.72 -13.17 -10.33
C ILE G 46 39.55 -14.14 -9.49
N ASN G 47 38.87 -15.12 -8.88
CA ASN G 47 39.50 -16.03 -7.93
C ASN G 47 40.11 -17.27 -8.57
N GLU G 48 40.05 -17.33 -9.90
CA GLU G 48 40.57 -18.46 -10.67
C GLU G 48 42.05 -18.71 -10.40
N GLY H 12 15.00 7.54 -4.40
CA GLY H 12 16.03 8.35 -5.13
C GLY H 12 17.19 8.76 -4.25
N THR H 13 18.41 8.43 -4.67
CA THR H 13 19.61 8.83 -3.92
C THR H 13 19.82 10.32 -4.04
N SER H 14 20.45 10.91 -3.03
CA SER H 14 20.73 12.34 -2.99
C SER H 14 21.59 12.77 -4.18
N SER H 15 21.52 14.05 -4.52
CA SER H 15 22.35 14.63 -5.58
C SER H 15 23.83 14.57 -5.20
N ALA H 16 24.10 14.68 -3.90
CA ALA H 16 25.46 14.59 -3.36
C ALA H 16 26.05 13.17 -3.47
N PHE H 17 25.22 12.14 -3.26
CA PHE H 17 25.65 10.74 -3.45
C PHE H 17 25.88 10.40 -4.92
N SER H 18 24.93 10.78 -5.78
CA SER H 18 25.04 10.58 -7.24
C SER H 18 26.30 11.24 -7.80
N SER H 19 26.60 12.45 -7.32
CA SER H 19 27.89 13.10 -7.59
C SER H 19 29.06 12.27 -7.13
N TYR H 20 29.05 11.87 -5.85
CA TYR H 20 30.09 11.00 -5.30
C TYR H 20 30.27 9.74 -6.17
N PHE H 21 29.16 9.08 -6.48
CA PHE H 21 29.17 7.79 -7.15
C PHE H 21 29.68 7.86 -8.59
N ASN H 22 29.14 8.80 -9.36
CA ASN H 22 29.55 8.97 -10.77
C ASN H 22 31.03 9.36 -10.90
N ASN H 23 31.54 10.10 -9.91
CA ASN H 23 32.93 10.55 -9.92
C ASN H 23 33.93 9.52 -9.41
N LYS H 24 33.53 8.74 -8.41
CA LYS H 24 34.44 7.83 -7.73
C LYS H 24 34.27 6.35 -8.12
N VAL H 25 33.12 6.01 -8.70
CA VAL H 25 32.80 4.59 -8.93
C VAL H 25 32.43 4.28 -10.39
N GLY H 26 31.31 4.84 -10.85
CA GLY H 26 30.87 4.64 -12.23
C GLY H 26 29.43 5.05 -12.41
N ILE H 27 28.81 4.53 -13.46
CA ILE H 27 27.43 4.86 -13.79
C ILE H 27 26.52 3.79 -13.19
N PRO H 28 25.65 4.20 -12.25
CA PRO H 28 24.71 3.28 -11.60
C PRO H 28 23.73 2.63 -12.58
N GLN H 29 23.47 1.35 -12.35
CA GLN H 29 22.52 0.59 -13.14
C GLN H 29 21.44 0.08 -12.18
N GLU H 30 20.42 -0.54 -12.75
CA GLU H 30 19.23 -0.95 -12.01
C GLU H 30 19.32 -2.40 -11.50
N HIS H 31 18.74 -2.63 -10.32
CA HIS H 31 18.55 -3.98 -9.82
C HIS H 31 17.13 -4.46 -10.11
N VAL H 32 16.99 -5.54 -10.87
CA VAL H 32 15.68 -6.15 -11.13
C VAL H 32 15.34 -7.25 -10.14
N ASP H 33 14.19 -7.09 -9.48
CA ASP H 33 13.57 -8.17 -8.77
C ASP H 33 12.28 -8.47 -9.53
N HIS H 34 12.28 -9.59 -10.27
CA HIS H 34 11.11 -10.05 -11.04
C HIS H 34 9.92 -10.36 -10.13
N ASP H 35 10.20 -10.81 -8.90
CA ASP H 35 9.14 -11.18 -7.96
C ASP H 35 8.44 -9.96 -7.32
N ASP H 36 9.21 -8.87 -7.12
CA ASP H 36 8.64 -7.56 -6.78
C ASP H 36 7.82 -7.04 -7.96
N PHE H 37 8.41 -7.10 -9.16
CA PHE H 37 7.79 -6.58 -10.39
C PHE H 37 6.50 -7.29 -10.81
N ASP H 38 6.54 -8.62 -10.89
CA ASP H 38 5.38 -9.43 -11.26
C ASP H 38 4.25 -9.38 -10.21
N ALA H 39 4.61 -9.25 -8.94
CA ALA H 39 3.61 -9.15 -7.87
C ALA H 39 2.84 -7.84 -7.97
N ASN H 40 3.56 -6.75 -8.25
CA ASN H 40 2.95 -5.47 -8.53
C ASN H 40 2.10 -5.44 -9.79
N GLN H 41 2.54 -6.10 -10.85
CA GLN H 41 1.74 -6.20 -12.08
C GLN H 41 0.45 -6.96 -11.85
N LEU H 42 0.53 -8.10 -11.17
CA LEU H 42 -0.67 -8.85 -10.75
C LEU H 42 -1.63 -7.96 -9.94
N LEU H 43 -1.09 -7.17 -9.02
CA LEU H 43 -1.93 -6.28 -8.22
C LEU H 43 -2.61 -5.17 -9.02
N ASN H 44 -1.95 -4.74 -10.10
CA ASN H 44 -2.54 -3.77 -11.05
C ASN H 44 -3.83 -4.31 -11.67
N LYS H 45 -3.90 -5.62 -11.83
CA LYS H 45 -5.04 -6.31 -12.40
C LYS H 45 -6.09 -6.62 -11.33
N ILE H 46 -5.65 -7.10 -10.18
CA ILE H 46 -6.53 -7.32 -9.01
C ILE H 46 -7.28 -6.04 -8.60
N ASN H 47 -6.55 -4.93 -8.54
CA ASN H 47 -7.09 -3.67 -8.01
C ASN H 47 -7.68 -2.72 -9.06
N GLU H 48 -7.80 -3.23 -10.29
CA GLU H 48 -8.45 -2.51 -11.38
C GLU H 48 -9.97 -2.51 -11.13
#